data_6AYD
#
_entry.id   6AYD
#
_cell.length_a   97.300
_cell.length_b   97.300
_cell.length_c   80.221
_cell.angle_alpha   90.000
_cell.angle_beta   90.000
_cell.angle_gamma   120.000
#
_symmetry.space_group_name_H-M   'P 65'
#
loop_
_entity.id
_entity.type
_entity.pdbx_description
1 polymer 'Serine/threonine-protein kinase pim-1'
2 non-polymer N-[6-(4-hydroxyphenyl)-2H-indazol-3-yl]cyclopropanecarboxamide
3 water water
#
_entity_poly.entity_id   1
_entity_poly.type   'polypeptide(L)'
_entity_poly.pdbx_seq_one_letter_code
;MHHHHHHSSGVDLGTENLYFQSMLLSKINSLAHLRAAPCNDLHATKLAPGKEKEPLESQYQVGPLLGSGGFGSVYSGIRV
SDNLPVAIKHVEKDRISDWGELPNGTRVPMEVVLLKKVSSGFSGVIRLLDWFERPDSFVLILERPEPVQDLFDFITERGA
LQEELARSFFWQVLEAVRHCHNCGVLHRDIKDENILIDLNRGELKLIDFGSGALLKDTVYTDFDGTRVYSPPEWIRYHRY
HGRSAAVWSLGILLYDMVCGDIPFEHDEEIIGGQVFFRQRVSSECQHLIRWCLALRPSDRPTFEEIQNHPWMQDVLLPQE
TAEIHLHSLSPGPS
;
_entity_poly.pdbx_strand_id   A
#
loop_
_chem_comp.id
_chem_comp.type
_chem_comp.name
_chem_comp.formula
C2J non-polymer N-[6-(4-hydroxyphenyl)-2H-indazol-3-yl]cyclopropanecarboxamide 'C17 H15 N3 O2'
#
# COMPACT_ATOMS: atom_id res chain seq x y z
N LEU A 56 -22.41 4.85 -18.01
CA LEU A 56 -21.89 3.77 -17.09
C LEU A 56 -22.50 2.37 -17.29
N GLU A 57 -23.77 2.18 -16.94
CA GLU A 57 -24.41 0.83 -16.87
C GLU A 57 -24.32 -0.02 -18.13
N SER A 58 -24.28 0.63 -19.29
CA SER A 58 -24.11 -0.04 -20.60
C SER A 58 -22.64 -0.36 -20.92
N GLN A 59 -21.72 0.42 -20.34
CA GLN A 59 -20.29 0.25 -20.59
C GLN A 59 -19.59 -0.80 -19.69
N TYR A 60 -19.91 -0.76 -18.40
CA TYR A 60 -19.47 -1.75 -17.40
C TYR A 60 -20.67 -2.49 -16.87
N GLN A 61 -20.47 -3.75 -16.50
CA GLN A 61 -21.51 -4.50 -15.81
C GLN A 61 -21.04 -4.92 -14.42
N VAL A 62 -21.82 -4.50 -13.44
CA VAL A 62 -21.47 -4.58 -12.04
C VAL A 62 -21.84 -5.96 -11.59
N GLY A 63 -20.95 -6.60 -10.86
CA GLY A 63 -21.20 -7.93 -10.38
C GLY A 63 -21.30 -7.87 -8.87
N PRO A 64 -20.82 -8.92 -8.18
CA PRO A 64 -20.91 -8.96 -6.72
C PRO A 64 -19.95 -7.97 -6.03
N LEU A 65 -19.97 -8.00 -4.71
CA LEU A 65 -19.24 -7.07 -3.89
C LEU A 65 -17.93 -7.72 -3.48
N LEU A 66 -16.83 -7.01 -3.62
CA LEU A 66 -15.50 -7.54 -3.30
C LEU A 66 -15.22 -7.41 -1.82
N GLY A 67 -14.83 -6.22 -1.41
CA GLY A 67 -14.71 -5.88 -0.02
C GLY A 67 -15.58 -4.67 0.25
N SER A 68 -15.70 -4.38 1.54
CA SER A 68 -16.08 -3.07 2.00
C SER A 68 -15.41 -2.82 3.36
N GLY A 69 -14.10 -3.02 3.39
CA GLY A 69 -13.24 -2.55 4.48
C GLY A 69 -12.84 -1.10 4.19
N GLY A 70 -11.61 -0.74 4.55
CA GLY A 70 -11.08 0.64 4.48
C GLY A 70 -11.30 1.42 3.18
N PHE A 71 -11.22 0.73 2.03
CA PHE A 71 -11.40 1.36 0.69
C PHE A 71 -12.81 1.94 0.45
N GLY A 72 -13.87 1.18 0.72
CA GLY A 72 -15.23 1.70 0.58
C GLY A 72 -16.23 0.60 0.26
N SER A 73 -17.00 0.81 -0.79
CA SER A 73 -17.85 -0.22 -1.33
C SER A 73 -17.31 -0.51 -2.70
N VAL A 74 -16.57 -1.60 -2.83
CA VAL A 74 -15.97 -1.97 -4.08
C VAL A 74 -16.61 -3.25 -4.61
N TYR A 75 -17.04 -3.19 -5.87
CA TYR A 75 -17.67 -4.31 -6.57
C TYR A 75 -16.85 -4.79 -7.73
N SER A 76 -17.08 -6.04 -8.10
CA SER A 76 -16.44 -6.65 -9.23
C SER A 76 -17.20 -6.24 -10.48
N GLY A 77 -16.46 -5.83 -11.49
CA GLY A 77 -17.03 -5.41 -12.76
C GLY A 77 -16.33 -6.07 -13.94
N ILE A 78 -17.01 -5.99 -15.08
CA ILE A 78 -16.46 -6.49 -16.34
C ILE A 78 -16.79 -5.38 -17.32
N ARG A 79 -15.78 -4.86 -18.02
CA ARG A 79 -15.97 -3.83 -19.04
C ARG A 79 -16.50 -4.49 -20.30
N VAL A 80 -17.60 -3.96 -20.83
CA VAL A 80 -18.36 -4.61 -21.92
C VAL A 80 -17.46 -4.78 -23.13
N SER A 81 -16.95 -3.67 -23.64
CA SER A 81 -16.17 -3.65 -24.91
C SER A 81 -15.17 -4.82 -25.11
N ASP A 82 -14.41 -5.15 -24.08
CA ASP A 82 -13.33 -6.17 -24.17
C ASP A 82 -13.32 -7.21 -23.04
N ASN A 83 -14.40 -7.30 -22.26
CA ASN A 83 -14.47 -8.17 -21.05
C ASN A 83 -13.28 -8.09 -20.11
N LEU A 84 -12.79 -6.86 -19.91
CA LEU A 84 -11.67 -6.63 -19.00
C LEU A 84 -12.18 -6.66 -17.57
N PRO A 85 -11.55 -7.46 -16.68
CA PRO A 85 -11.93 -7.37 -15.27
C PRO A 85 -11.62 -6.00 -14.65
N VAL A 86 -12.55 -5.48 -13.86
CA VAL A 86 -12.37 -4.21 -13.15
C VAL A 86 -12.90 -4.30 -11.73
N ALA A 87 -12.66 -3.25 -10.97
CA ALA A 87 -13.20 -3.07 -9.66
C ALA A 87 -13.86 -1.73 -9.70
N ILE A 88 -15.10 -1.68 -9.28
CA ILE A 88 -15.84 -0.42 -9.19
C ILE A 88 -15.98 0.00 -7.73
N LYS A 89 -15.38 1.12 -7.37
CA LYS A 89 -15.54 1.69 -6.06
C LYS A 89 -16.47 2.90 -6.11
N HIS A 90 -17.41 2.95 -5.17
CA HIS A 90 -18.27 4.09 -4.97
C HIS A 90 -17.85 4.77 -3.68
N VAL A 91 -18.09 6.09 -3.63
CA VAL A 91 -17.89 6.91 -2.43
C VAL A 91 -18.99 7.96 -2.36
N GLU A 92 -19.66 8.06 -1.20
CA GLU A 92 -20.65 9.15 -0.96
C GLU A 92 -19.89 10.46 -0.96
N LYS A 93 -20.53 11.56 -1.36
CA LYS A 93 -19.89 12.86 -1.21
C LYS A 93 -19.88 13.31 0.24
N ASP A 94 -20.96 13.01 0.96
CA ASP A 94 -21.03 13.35 2.39
C ASP A 94 -19.90 12.75 3.23
N ARG A 95 -19.36 11.60 2.83
CA ARG A 95 -18.31 10.93 3.60
C ARG A 95 -16.90 11.23 3.09
N ILE A 96 -16.75 12.16 2.15
CA ILE A 96 -15.43 12.55 1.65
C ILE A 96 -14.94 13.71 2.52
N SER A 97 -13.89 13.45 3.29
CA SER A 97 -13.28 14.43 4.19
C SER A 97 -12.13 15.22 3.56
N ASP A 98 -11.82 14.92 2.30
CA ASP A 98 -10.55 15.27 1.71
C ASP A 98 -10.64 15.41 0.18
N TRP A 99 -10.70 16.67 -0.25
CA TRP A 99 -10.90 17.04 -1.65
C TRP A 99 -9.66 17.66 -2.27
N GLY A 100 -9.64 17.70 -3.60
CA GLY A 100 -8.51 18.24 -4.38
C GLY A 100 -8.97 18.63 -5.78
N GLU A 101 -8.05 19.13 -6.60
CA GLU A 101 -8.38 19.58 -7.96
C GLU A 101 -7.54 18.85 -8.98
N LEU A 102 -8.15 18.56 -10.14
CA LEU A 102 -7.47 17.91 -11.26
C LEU A 102 -6.59 18.91 -12.04
N PRO A 103 -5.72 18.42 -12.97
CA PRO A 103 -4.95 19.30 -13.87
C PRO A 103 -5.80 20.38 -14.59
N ASN A 104 -6.92 19.95 -15.15
CA ASN A 104 -7.93 20.86 -15.73
C ASN A 104 -8.81 21.63 -14.71
N GLY A 105 -8.43 21.62 -13.43
CA GLY A 105 -9.10 22.39 -12.38
C GLY A 105 -10.54 22.02 -12.13
N THR A 106 -10.80 20.71 -11.98
CA THR A 106 -12.11 20.19 -11.58
C THR A 106 -12.01 19.75 -10.13
N ARG A 107 -13.05 19.98 -9.33
CA ARG A 107 -13.00 19.57 -7.93
C ARG A 107 -13.45 18.12 -7.74
N VAL A 108 -12.52 17.24 -7.38
CA VAL A 108 -12.79 15.79 -7.20
C VAL A 108 -12.26 15.32 -5.83
N PRO A 109 -12.55 14.06 -5.45
CA PRO A 109 -11.88 13.51 -4.26
C PRO A 109 -10.37 13.36 -4.45
N MET A 110 -9.62 13.66 -3.40
CA MET A 110 -8.17 13.52 -3.43
C MET A 110 -7.75 12.15 -3.95
N GLU A 111 -8.49 11.12 -3.53
CA GLU A 111 -8.28 9.77 -4.02
C GLU A 111 -8.14 9.77 -5.53
N VAL A 112 -9.10 10.37 -6.21
CA VAL A 112 -9.11 10.46 -7.67
C VAL A 112 -7.89 11.22 -8.15
N VAL A 113 -7.57 12.33 -7.47
CA VAL A 113 -6.41 13.18 -7.83
C VAL A 113 -5.14 12.37 -7.81
N LEU A 114 -4.90 11.72 -6.68
CA LEU A 114 -3.69 10.94 -6.47
C LEU A 114 -3.65 9.75 -7.42
N LEU A 115 -4.77 9.04 -7.54
CA LEU A 115 -4.86 7.94 -8.49
C LEU A 115 -4.43 8.35 -9.90
N LYS A 116 -4.94 9.47 -10.41
CA LYS A 116 -4.57 9.94 -11.77
C LYS A 116 -3.09 10.11 -11.94
N LYS A 117 -2.45 10.68 -10.91
CA LYS A 117 -1.01 10.98 -10.92
C LYS A 117 -0.12 9.71 -11.04
N VAL A 118 -0.57 8.64 -10.38
CA VAL A 118 0.20 7.39 -10.33
C VAL A 118 -0.18 6.40 -11.44
N SER A 119 -1.27 6.69 -12.15
CA SER A 119 -1.82 5.74 -13.10
C SER A 119 -1.14 5.79 -14.45
N SER A 120 -0.49 6.91 -14.79
CA SER A 120 0.34 7.00 -16.01
C SER A 120 1.55 6.05 -15.89
N GLY A 121 1.60 5.06 -16.78
CA GLY A 121 2.69 4.10 -16.87
C GLY A 121 2.38 2.80 -16.17
N PHE A 122 3.15 1.77 -16.51
CA PHE A 122 3.09 0.48 -15.81
C PHE A 122 3.82 0.63 -14.49
N SER A 123 3.26 0.06 -13.43
CA SER A 123 3.89 0.09 -12.11
C SER A 123 3.24 -0.92 -11.19
N GLY A 124 3.74 -1.03 -9.96
CA GLY A 124 3.16 -1.91 -8.95
C GLY A 124 2.00 -1.27 -8.20
N VAL A 125 1.14 -0.56 -8.93
CA VAL A 125 0.02 0.18 -8.36
C VAL A 125 -1.23 -0.08 -9.19
N ILE A 126 -2.36 -0.36 -8.55
CA ILE A 126 -3.59 -0.54 -9.29
C ILE A 126 -3.91 0.80 -9.93
N ARG A 127 -4.18 0.79 -11.22
CA ARG A 127 -4.40 2.00 -11.99
C ARG A 127 -5.90 2.37 -12.03
N LEU A 128 -6.16 3.68 -12.01
CA LEU A 128 -7.50 4.22 -12.28
C LEU A 128 -7.72 4.26 -13.76
N LEU A 129 -8.75 3.57 -14.23
CA LEU A 129 -9.06 3.55 -15.66
C LEU A 129 -10.05 4.63 -16.06
N ASP A 130 -11.04 4.88 -15.21
CA ASP A 130 -12.06 5.85 -15.52
C ASP A 130 -12.70 6.26 -14.21
N TRP A 131 -13.49 7.31 -14.22
CA TRP A 131 -14.24 7.68 -13.04
C TRP A 131 -15.45 8.55 -13.40
N PHE A 132 -16.43 8.61 -12.50
CA PHE A 132 -17.69 9.33 -12.74
C PHE A 132 -18.12 10.15 -11.52
N GLU A 133 -18.92 11.17 -11.79
CA GLU A 133 -19.63 11.90 -10.78
C GLU A 133 -21.13 11.60 -10.90
N ARG A 134 -21.76 11.35 -9.77
CA ARG A 134 -23.22 11.20 -9.68
C ARG A 134 -23.72 12.31 -8.78
N PRO A 135 -25.05 12.48 -8.68
CA PRO A 135 -25.61 13.45 -7.72
C PRO A 135 -24.97 13.46 -6.32
N ASP A 136 -24.97 12.32 -5.63
CA ASP A 136 -24.45 12.27 -4.25
C ASP A 136 -23.24 11.34 -4.04
N SER A 137 -22.69 10.77 -5.13
CA SER A 137 -21.44 9.94 -5.09
C SER A 137 -20.44 10.15 -6.28
N PHE A 138 -19.27 9.51 -6.15
CA PHE A 138 -18.30 9.35 -7.24
C PHE A 138 -17.99 7.88 -7.44
N VAL A 139 -17.82 7.48 -8.69
CA VAL A 139 -17.55 6.10 -9.01
C VAL A 139 -16.16 5.98 -9.65
N LEU A 140 -15.39 5.00 -9.20
CA LEU A 140 -14.00 4.81 -9.63
C LEU A 140 -13.90 3.46 -10.33
N ILE A 141 -13.40 3.45 -11.55
CA ILE A 141 -13.16 2.18 -12.23
C ILE A 141 -11.70 1.89 -12.11
N LEU A 142 -11.36 0.68 -11.67
CA LEU A 142 -9.99 0.36 -11.31
C LEU A 142 -9.58 -0.98 -11.94
N GLU A 143 -8.29 -1.27 -12.00
CA GLU A 143 -7.85 -2.59 -12.46
C GLU A 143 -8.33 -3.63 -11.48
N ARG A 144 -8.51 -4.83 -11.98
CA ARG A 144 -8.70 -5.99 -11.11
C ARG A 144 -7.91 -7.18 -11.66
N PRO A 145 -6.84 -7.56 -10.96
CA PRO A 145 -6.19 -8.82 -11.26
C PRO A 145 -7.12 -9.97 -10.98
N GLU A 146 -6.84 -11.09 -11.60
CA GLU A 146 -7.59 -12.30 -11.33
C GLU A 146 -6.68 -13.45 -11.77
N PRO A 147 -6.49 -14.49 -10.95
CA PRO A 147 -6.88 -14.57 -9.55
C PRO A 147 -6.06 -13.64 -8.66
N VAL A 148 -6.68 -13.18 -7.59
CA VAL A 148 -6.07 -12.19 -6.73
C VAL A 148 -6.34 -12.49 -5.26
N GLN A 149 -5.45 -12.06 -4.38
CA GLN A 149 -5.66 -12.19 -2.92
C GLN A 149 -4.78 -11.17 -2.19
N ASP A 150 -5.30 -10.52 -1.14
CA ASP A 150 -4.53 -9.48 -0.45
C ASP A 150 -3.52 -10.12 0.47
N LEU A 151 -2.53 -9.33 0.86
CA LEU A 151 -1.39 -9.87 1.57
C LEU A 151 -1.77 -10.29 2.97
N PHE A 152 -2.83 -9.71 3.53
CA PHE A 152 -3.31 -10.12 4.86
C PHE A 152 -3.79 -11.58 4.82
N ASP A 153 -4.76 -11.85 3.96
CA ASP A 153 -5.26 -13.20 3.78
C ASP A 153 -4.16 -14.18 3.38
N PHE A 154 -3.26 -13.77 2.53
CA PHE A 154 -2.15 -14.61 2.17
C PHE A 154 -1.36 -15.03 3.41
N ILE A 155 -0.95 -14.04 4.20
CA ILE A 155 -0.19 -14.28 5.43
C ILE A 155 -1.00 -15.09 6.45
N THR A 156 -2.24 -14.71 6.67
CA THR A 156 -3.13 -15.46 7.56
C THR A 156 -3.25 -16.94 7.19
N GLU A 157 -3.62 -17.26 5.97
CA GLU A 157 -3.61 -18.66 5.47
C GLU A 157 -2.30 -19.41 5.67
N ARG A 158 -1.18 -18.79 5.29
CA ARG A 158 0.07 -19.51 5.07
C ARG A 158 1.18 -19.26 6.10
N GLY A 159 0.85 -18.59 7.18
CA GLY A 159 1.84 -18.20 8.19
C GLY A 159 2.82 -17.13 7.70
N ALA A 160 3.84 -16.87 8.50
CA ALA A 160 4.98 -16.08 8.08
C ALA A 160 5.54 -16.55 6.74
N LEU A 161 6.02 -15.64 5.94
CA LEU A 161 6.55 -15.98 4.66
C LEU A 161 8.02 -16.26 4.83
N GLN A 162 8.52 -17.23 4.08
CA GLN A 162 9.96 -17.43 3.95
C GLN A 162 10.65 -16.16 3.50
N GLU A 163 11.92 -16.02 3.85
CA GLU A 163 12.66 -14.79 3.54
C GLU A 163 12.77 -14.50 2.03
N GLU A 164 12.97 -15.54 1.24
CA GLU A 164 13.10 -15.38 -0.17
C GLU A 164 11.82 -14.81 -0.79
N LEU A 165 10.69 -15.22 -0.22
CA LEU A 165 9.40 -14.72 -0.66
C LEU A 165 9.16 -13.31 -0.19
N ALA A 166 9.37 -13.08 1.11
CA ALA A 166 9.26 -11.75 1.70
C ALA A 166 10.08 -10.73 0.94
N ARG A 167 11.31 -11.11 0.60
CA ARG A 167 12.21 -10.25 -0.15
C ARG A 167 11.58 -9.81 -1.46
N SER A 168 11.12 -10.77 -2.24
CA SER A 168 10.49 -10.47 -3.54
C SER A 168 9.31 -9.51 -3.38
N PHE A 169 8.41 -9.85 -2.49
CA PHE A 169 7.25 -9.03 -2.19
C PHE A 169 7.64 -7.64 -1.70
N PHE A 170 8.43 -7.60 -0.63
CA PHE A 170 8.87 -6.34 -0.05
C PHE A 170 9.54 -5.42 -1.09
N TRP A 171 10.37 -5.98 -1.93
CA TRP A 171 10.97 -5.22 -3.00
C TRP A 171 9.90 -4.60 -3.90
N GLN A 172 8.94 -5.41 -4.30
CA GLN A 172 7.91 -4.92 -5.17
C GLN A 172 7.19 -3.77 -4.49
N VAL A 173 6.94 -3.91 -3.20
CA VAL A 173 6.29 -2.86 -2.43
C VAL A 173 7.13 -1.60 -2.48
N LEU A 174 8.39 -1.75 -2.12
CA LEU A 174 9.37 -0.67 -2.22
C LEU A 174 9.30 0.02 -3.55
N GLU A 175 9.46 -0.75 -4.61
CA GLU A 175 9.42 -0.20 -5.94
C GLU A 175 8.13 0.63 -6.22
N ALA A 176 6.98 0.06 -5.87
CA ALA A 176 5.68 0.71 -6.07
C ALA A 176 5.57 2.03 -5.32
N VAL A 177 6.16 2.04 -4.12
CA VAL A 177 6.12 3.21 -3.25
C VAL A 177 7.02 4.30 -3.78
N ARG A 178 8.19 3.91 -4.28
CA ARG A 178 9.07 4.87 -4.96
C ARG A 178 8.43 5.50 -6.15
N HIS A 179 7.59 4.71 -6.82
CA HIS A 179 6.83 5.22 -7.93
C HIS A 179 5.91 6.31 -7.45
N CYS A 180 5.18 6.06 -6.37
CA CYS A 180 4.27 7.04 -5.86
C CYS A 180 5.01 8.32 -5.52
N HIS A 181 6.12 8.19 -4.78
CA HIS A 181 6.90 9.37 -4.40
C HIS A 181 7.41 10.14 -5.62
N ASN A 182 7.99 9.44 -6.58
CA ASN A 182 8.36 10.08 -7.83
CA ASN A 182 8.34 10.06 -7.86
C ASN A 182 7.15 10.78 -8.45
N CYS A 183 5.98 10.18 -8.38
CA CYS A 183 4.76 10.80 -8.95
C CYS A 183 4.16 11.96 -8.16
N GLY A 184 4.66 12.24 -6.96
CA GLY A 184 4.20 13.36 -6.14
C GLY A 184 3.13 12.97 -5.15
N VAL A 185 2.99 11.66 -4.93
CA VAL A 185 1.92 11.10 -4.12
C VAL A 185 2.49 10.33 -2.95
N LEU A 186 1.92 10.55 -1.77
CA LEU A 186 2.31 9.83 -0.55
C LEU A 186 1.13 8.98 -0.11
N HIS A 187 1.28 7.67 -0.07
CA HIS A 187 0.16 6.76 0.21
C HIS A 187 -0.44 6.90 1.62
N ARG A 188 0.45 6.90 2.63
CA ARG A 188 0.09 7.11 4.04
C ARG A 188 -0.61 5.97 4.75
N ASP A 189 -0.71 4.83 4.10
CA ASP A 189 -1.49 3.72 4.65
C ASP A 189 -1.01 2.41 4.06
N ILE A 190 0.30 2.26 4.10
CA ILE A 190 0.94 1.08 3.59
C ILE A 190 0.75 -0.01 4.63
N LYS A 191 0.15 -1.12 4.19
CA LYS A 191 -0.05 -2.30 5.03
C LYS A 191 -0.46 -3.50 4.20
N ASP A 192 -0.53 -4.63 4.87
CA ASP A 192 -0.84 -5.87 4.20
C ASP A 192 -2.23 -5.87 3.54
N GLU A 193 -3.19 -5.23 4.18
CA GLU A 193 -4.55 -5.20 3.66
C GLU A 193 -4.65 -4.40 2.37
N ASN A 194 -3.79 -3.39 2.24
CA ASN A 194 -3.68 -2.58 1.02
C ASN A 194 -2.65 -3.10 -0.03
N ILE A 195 -2.29 -4.38 -0.01
CA ILE A 195 -1.41 -4.95 -1.02
C ILE A 195 -2.05 -6.19 -1.58
N LEU A 196 -2.24 -6.21 -2.90
CA LEU A 196 -2.83 -7.36 -3.58
C LEU A 196 -1.76 -8.13 -4.23
N ILE A 197 -2.04 -9.41 -4.44
CA ILE A 197 -1.12 -10.34 -5.06
C ILE A 197 -1.85 -10.95 -6.24
N ASP A 198 -1.40 -10.63 -7.43
CA ASP A 198 -1.74 -11.44 -8.58
C ASP A 198 -1.03 -12.79 -8.42
N LEU A 199 -1.79 -13.82 -8.11
CA LEU A 199 -1.21 -15.12 -7.79
C LEU A 199 -0.58 -15.88 -8.98
N ASN A 200 -0.90 -15.49 -10.21
CA ASN A 200 -0.30 -16.17 -11.35
C ASN A 200 1.00 -15.55 -11.77
N ARG A 201 1.04 -14.22 -11.74
CA ARG A 201 2.18 -13.44 -12.21
C ARG A 201 3.19 -13.12 -11.11
N GLY A 202 2.81 -13.34 -9.85
CA GLY A 202 3.66 -13.03 -8.71
C GLY A 202 3.85 -11.53 -8.44
N GLU A 203 2.87 -10.73 -8.85
CA GLU A 203 3.01 -9.30 -8.86
C GLU A 203 2.19 -8.70 -7.73
N LEU A 204 2.84 -7.88 -6.90
CA LEU A 204 2.16 -7.14 -5.85
C LEU A 204 1.67 -5.83 -6.43
N LYS A 205 0.42 -5.47 -6.14
CA LYS A 205 -0.14 -4.15 -6.49
C LYS A 205 -0.59 -3.43 -5.24
N LEU A 206 -0.38 -2.12 -5.23
CA LEU A 206 -0.73 -1.29 -4.10
C LEU A 206 -2.11 -0.65 -4.27
N ILE A 207 -2.95 -0.66 -3.23
CA ILE A 207 -4.32 -0.13 -3.31
C ILE A 207 -4.71 0.85 -2.18
N ASP A 208 -5.83 1.51 -2.39
CA ASP A 208 -6.47 2.44 -1.44
C ASP A 208 -5.64 3.70 -1.30
N PHE A 209 -6.00 4.70 -2.08
CA PHE A 209 -5.41 6.03 -1.93
C PHE A 209 -6.39 6.95 -1.21
N GLY A 210 -7.22 6.36 -0.34
CA GLY A 210 -8.23 7.09 0.40
C GLY A 210 -7.67 7.85 1.59
N SER A 211 -6.42 7.60 1.97
CA SER A 211 -5.75 8.35 3.04
C SER A 211 -4.48 9.04 2.57
N GLY A 212 -4.27 9.06 1.26
CA GLY A 212 -3.06 9.63 0.71
C GLY A 212 -3.01 11.12 0.81
N ALA A 213 -1.94 11.67 0.25
CA ALA A 213 -1.72 13.13 0.20
C ALA A 213 -0.65 13.42 -0.84
N LEU A 214 -0.62 14.66 -1.29
CA LEU A 214 0.47 15.08 -2.15
C LEU A 214 1.77 15.01 -1.34
N LEU A 215 2.83 14.58 -2.00
CA LEU A 215 4.11 14.44 -1.33
C LEU A 215 4.71 15.79 -1.29
N LYS A 216 5.12 16.18 -0.08
CA LYS A 216 5.85 17.42 0.18
C LYS A 216 7.05 17.15 1.14
N ASP A 217 7.95 18.10 1.22
CA ASP A 217 9.13 17.95 2.08
C ASP A 217 9.00 18.59 3.46
N THR A 218 7.88 19.26 3.72
CA THR A 218 7.56 19.80 5.04
C THR A 218 6.70 18.81 5.86
N VAL A 219 6.37 19.23 7.09
CA VAL A 219 5.71 18.40 8.07
C VAL A 219 4.23 18.21 7.77
N TYR A 220 3.73 17.03 8.11
CA TYR A 220 2.31 16.72 8.07
C TYR A 220 1.78 16.75 9.50
N THR A 221 0.67 17.47 9.71
CA THR A 221 0.04 17.54 11.04
C THR A 221 -1.17 16.63 11.17
N ASP A 222 -1.71 16.18 10.04
CA ASP A 222 -2.88 15.29 9.99
C ASP A 222 -2.46 13.89 9.53
N PHE A 223 -3.22 12.89 9.94
CA PHE A 223 -3.00 11.53 9.48
C PHE A 223 -4.24 10.70 9.75
N ASP A 224 -4.88 10.17 8.69
CA ASP A 224 -6.08 9.33 8.84
C ASP A 224 -5.85 7.86 8.48
N GLY A 225 -4.63 7.37 8.67
CA GLY A 225 -4.29 5.99 8.31
C GLY A 225 -4.51 5.03 9.46
N THR A 226 -3.71 3.98 9.50
CA THR A 226 -3.80 2.90 10.50
C THR A 226 -2.93 3.20 11.73
N ARG A 227 -3.53 3.27 12.92
CA ARG A 227 -2.81 3.59 14.15
C ARG A 227 -1.60 2.69 14.46
N VAL A 228 -1.78 1.38 14.40
CA VAL A 228 -0.67 0.44 14.66
C VAL A 228 0.43 0.41 13.57
N TYR A 229 0.24 1.15 12.48
CA TYR A 229 1.27 1.33 11.44
C TYR A 229 1.86 2.75 11.49
N SER A 230 1.43 3.55 12.46
CA SER A 230 1.78 4.96 12.50
C SER A 230 3.02 5.12 13.40
N PRO A 231 3.92 6.07 13.04
CA PRO A 231 5.21 6.11 13.67
C PRO A 231 5.14 6.87 14.98
N PRO A 232 6.21 6.78 15.79
CA PRO A 232 6.19 7.40 17.12
C PRO A 232 6.17 8.94 17.12
N GLU A 233 6.80 9.55 16.14
CA GLU A 233 6.66 10.97 15.95
C GLU A 233 5.21 11.42 15.84
N TRP A 234 4.31 10.55 15.36
CA TRP A 234 2.89 10.88 15.32
C TRP A 234 2.21 10.62 16.63
N ILE A 235 2.61 9.54 17.28
CA ILE A 235 2.07 9.15 18.58
C ILE A 235 2.35 10.31 19.55
N ARG A 236 3.63 10.59 19.78
CA ARG A 236 4.07 11.57 20.77
C ARG A 236 3.74 12.98 20.36
N TYR A 237 3.99 13.35 19.11
CA TYR A 237 3.93 14.77 18.71
C TYR A 237 2.92 15.18 17.63
N HIS A 238 2.10 14.27 17.09
CA HIS A 238 1.16 14.59 15.99
C HIS A 238 1.79 15.44 14.88
N ARG A 239 3.01 15.05 14.50
CA ARG A 239 3.85 15.68 13.46
C ARG A 239 4.69 14.58 12.81
N TYR A 240 4.81 14.60 11.48
CA TYR A 240 5.71 13.67 10.75
C TYR A 240 5.99 14.16 9.34
N HIS A 241 7.08 13.63 8.78
CA HIS A 241 7.46 13.84 7.38
C HIS A 241 7.25 12.56 6.60
N GLY A 242 6.93 12.71 5.32
CA GLY A 242 6.30 11.66 4.51
C GLY A 242 7.17 10.45 4.36
N ARG A 243 8.33 10.63 3.76
CA ARG A 243 9.19 9.52 3.47
C ARG A 243 9.52 8.75 4.69
N SER A 244 9.95 9.44 5.73
CA SER A 244 10.43 8.76 6.95
C SER A 244 9.30 8.01 7.66
N ALA A 245 8.11 8.59 7.64
CA ALA A 245 6.91 7.92 8.13
C ALA A 245 6.67 6.69 7.30
N ALA A 246 6.72 6.86 5.97
CA ALA A 246 6.51 5.76 5.02
C ALA A 246 7.47 4.60 5.29
N VAL A 247 8.73 4.93 5.58
CA VAL A 247 9.71 3.91 5.90
C VAL A 247 9.36 3.10 7.15
N TRP A 248 8.84 3.78 8.17
CA TRP A 248 8.40 3.12 9.39
C TRP A 248 7.42 1.99 9.05
N SER A 249 6.33 2.35 8.35
CA SER A 249 5.31 1.40 7.91
C SER A 249 5.87 0.17 7.13
N LEU A 250 6.94 0.40 6.37
CA LEU A 250 7.60 -0.69 5.66
C LEU A 250 8.38 -1.60 6.64
N GLY A 251 8.97 -0.99 7.64
CA GLY A 251 9.50 -1.77 8.74
C GLY A 251 8.42 -2.62 9.38
N ILE A 252 7.25 -2.03 9.62
CA ILE A 252 6.13 -2.78 10.22
C ILE A 252 5.72 -3.87 9.27
N LEU A 253 5.53 -3.49 7.99
CA LEU A 253 5.20 -4.43 6.91
C LEU A 253 6.21 -5.57 6.79
N LEU A 254 7.50 -5.27 6.79
CA LEU A 254 8.48 -6.31 6.62
C LEU A 254 8.36 -7.32 7.74
N TYR A 255 8.34 -6.83 8.98
CA TYR A 255 8.17 -7.64 10.18
C TYR A 255 6.99 -8.55 9.99
N ASP A 256 5.86 -7.99 9.57
CA ASP A 256 4.62 -8.75 9.38
C ASP A 256 4.84 -9.93 8.48
N MET A 257 5.45 -9.70 7.33
CA MET A 257 5.77 -10.75 6.36
C MET A 257 6.57 -11.87 6.99
N VAL A 258 7.64 -11.53 7.71
CA VAL A 258 8.54 -12.56 8.29
C VAL A 258 8.10 -13.13 9.65
N CYS A 259 7.25 -12.41 10.37
CA CYS A 259 6.77 -12.87 11.67
C CYS A 259 5.30 -13.31 11.68
N GLY A 260 4.58 -12.99 10.62
CA GLY A 260 3.18 -13.36 10.52
C GLY A 260 2.25 -12.48 11.34
N ASP A 261 2.76 -11.39 11.89
CA ASP A 261 1.95 -10.52 12.73
C ASP A 261 2.71 -9.23 12.85
N ILE A 262 2.01 -8.13 13.10
CA ILE A 262 2.66 -6.84 13.39
C ILE A 262 3.45 -6.87 14.71
N PRO A 263 4.46 -6.00 14.84
CA PRO A 263 5.28 -6.02 16.06
C PRO A 263 4.69 -5.24 17.29
N PHE A 264 3.82 -4.25 17.05
CA PHE A 264 3.28 -3.37 18.11
C PHE A 264 1.75 -3.35 18.08
N GLU A 265 1.13 -3.53 19.26
CA GLU A 265 -0.33 -3.38 19.45
C GLU A 265 -0.63 -2.00 20.07
N HIS A 266 0.05 -1.69 21.17
CA HIS A 266 -0.21 -0.45 21.92
C HIS A 266 0.77 0.65 21.55
N ASP A 267 0.55 1.83 22.12
CA ASP A 267 1.45 2.99 21.98
C ASP A 267 2.72 2.84 22.82
N GLU A 268 2.57 2.51 24.11
CA GLU A 268 3.73 2.22 24.97
C GLU A 268 4.78 1.34 24.24
N GLU A 269 4.30 0.37 23.44
CA GLU A 269 5.16 -0.49 22.60
C GLU A 269 5.80 0.28 21.45
N ILE A 270 5.00 1.05 20.69
CA ILE A 270 5.46 1.85 19.53
C ILE A 270 6.62 2.78 19.91
N ILE A 271 6.31 3.68 20.85
CA ILE A 271 7.26 4.71 21.31
C ILE A 271 8.39 4.09 22.14
N GLY A 272 8.19 2.85 22.61
CA GLY A 272 9.26 2.04 23.19
C GLY A 272 10.41 1.66 22.26
N GLY A 273 10.10 1.37 20.99
CA GLY A 273 11.14 0.98 20.00
C GLY A 273 12.04 -0.18 20.45
N GLN A 274 11.39 -1.28 20.83
CA GLN A 274 12.05 -2.58 21.06
C GLN A 274 11.30 -3.61 20.25
N VAL A 275 12.01 -4.22 19.30
CA VAL A 275 11.42 -5.24 18.44
C VAL A 275 11.75 -6.58 19.05
N PHE A 276 10.73 -7.36 19.41
CA PHE A 276 10.94 -8.75 19.80
C PHE A 276 10.53 -9.57 18.61
N PHE A 277 11.32 -10.57 18.29
CA PHE A 277 11.01 -11.45 17.17
C PHE A 277 10.41 -12.72 17.71
N ARG A 278 9.24 -13.05 17.22
CA ARG A 278 8.51 -14.23 17.65
C ARG A 278 8.89 -15.45 16.83
N GLN A 279 9.48 -15.22 15.65
CA GLN A 279 9.79 -16.27 14.67
C GLN A 279 11.26 -16.23 14.31
N ARG A 280 11.75 -17.30 13.69
CA ARG A 280 13.16 -17.32 13.26
C ARG A 280 13.33 -16.32 12.11
N VAL A 281 14.10 -15.26 12.35
CA VAL A 281 14.42 -14.27 11.31
C VAL A 281 15.94 -14.08 11.27
N SER A 282 16.52 -14.17 10.08
CA SER A 282 17.95 -14.04 9.90
C SER A 282 18.44 -12.76 10.55
N SER A 283 19.72 -12.77 10.94
CA SER A 283 20.38 -11.66 11.61
C SER A 283 20.28 -10.37 10.75
N GLU A 284 20.47 -10.51 9.44
CA GLU A 284 20.39 -9.35 8.54
C GLU A 284 19.00 -8.74 8.35
N CYS A 285 17.99 -9.59 8.19
CA CYS A 285 16.61 -9.13 8.06
C CYS A 285 16.11 -8.42 9.31
N GLN A 286 16.51 -8.93 10.46
CA GLN A 286 16.27 -8.22 11.70
C GLN A 286 16.96 -6.85 11.73
N HIS A 287 18.22 -6.78 11.27
CA HIS A 287 18.98 -5.53 11.26
C HIS A 287 18.25 -4.46 10.48
N LEU A 288 17.73 -4.84 9.31
CA LEU A 288 16.98 -3.93 8.45
C LEU A 288 15.67 -3.51 9.09
N ILE A 289 14.91 -4.50 9.58
CA ILE A 289 13.64 -4.22 10.24
C ILE A 289 13.85 -3.21 11.36
N ARG A 290 14.87 -3.43 12.19
CA ARG A 290 15.16 -2.57 13.35
C ARG A 290 15.62 -1.21 12.90
N TRP A 291 16.24 -1.17 11.73
CA TRP A 291 16.68 0.11 11.14
C TRP A 291 15.48 0.93 10.66
N CYS A 292 14.62 0.29 9.87
CA CYS A 292 13.37 0.91 9.42
C CYS A 292 12.49 1.42 10.55
N LEU A 293 12.54 0.72 11.69
CA LEU A 293 11.80 1.08 12.90
C LEU A 293 12.70 1.74 13.92
N ALA A 294 13.60 2.62 13.47
CA ALA A 294 14.41 3.41 14.38
C ALA A 294 13.59 4.59 14.90
N LEU A 295 13.57 4.77 16.22
CA LEU A 295 12.73 5.80 16.86
C LEU A 295 12.88 7.21 16.27
N ARG A 296 14.13 7.64 16.09
CA ARG A 296 14.45 8.97 15.57
C ARG A 296 14.24 8.87 14.06
N PRO A 297 13.34 9.67 13.48
CA PRO A 297 13.11 9.63 12.02
C PRO A 297 14.37 9.77 11.16
N SER A 298 15.24 10.71 11.57
CA SER A 298 16.51 10.96 10.89
C SER A 298 17.49 9.77 10.88
N ASP A 299 17.35 8.85 11.85
CA ASP A 299 18.16 7.60 11.89
C ASP A 299 17.62 6.45 11.02
N ARG A 300 16.48 6.65 10.39
CA ARG A 300 15.90 5.61 9.56
C ARG A 300 16.61 5.61 8.22
N PRO A 301 16.56 4.48 7.50
CA PRO A 301 17.14 4.47 6.16
C PRO A 301 16.27 5.20 5.14
N THR A 302 16.92 5.55 4.03
CA THR A 302 16.27 6.04 2.84
C THR A 302 15.95 4.82 1.97
N PHE A 303 15.13 5.06 0.94
CA PHE A 303 14.70 4.00 0.05
C PHE A 303 15.91 3.38 -0.62
N GLU A 304 16.85 4.24 -1.02
CA GLU A 304 18.15 3.81 -1.52
C GLU A 304 18.84 2.88 -0.53
N GLU A 305 19.00 3.37 0.69
CA GLU A 305 19.72 2.63 1.74
C GLU A 305 19.11 1.27 2.01
N ILE A 306 17.78 1.22 2.03
CA ILE A 306 17.03 -0.03 2.12
C ILE A 306 17.41 -1.02 1.00
N GLN A 307 17.37 -0.54 -0.24
CA GLN A 307 17.55 -1.42 -1.38
C GLN A 307 18.99 -1.79 -1.64
N ASN A 308 19.96 -1.12 -1.01
CA ASN A 308 21.34 -1.61 -0.99
C ASN A 308 21.73 -2.35 0.27
N HIS A 309 20.77 -2.49 1.19
CA HIS A 309 20.97 -3.31 2.37
C HIS A 309 21.30 -4.75 1.93
N PRO A 310 22.20 -5.42 2.65
CA PRO A 310 22.57 -6.77 2.23
C PRO A 310 21.39 -7.71 2.06
N TRP A 311 20.46 -7.70 3.02
CA TRP A 311 19.21 -8.45 2.94
C TRP A 311 18.37 -8.27 1.68
N MET A 312 18.44 -7.12 1.00
CA MET A 312 17.72 -6.92 -0.26
C MET A 312 18.40 -7.47 -1.53
N GLN A 313 19.56 -8.12 -1.42
CA GLN A 313 20.29 -8.60 -2.61
C GLN A 313 19.74 -9.90 -3.24
N ASP A 314 20.04 -10.07 -4.52
CA ASP A 314 19.65 -11.26 -5.31
C ASP A 314 18.18 -11.55 -5.12
N VAL A 315 17.38 -10.57 -5.48
CA VAL A 315 15.94 -10.70 -5.44
C VAL A 315 15.51 -11.62 -6.58
N LEU A 316 14.48 -12.43 -6.36
CA LEU A 316 13.90 -13.24 -7.44
C LEU A 316 12.99 -12.38 -8.27
N LEU A 317 12.85 -12.74 -9.54
CA LEU A 317 11.86 -12.10 -10.42
C LEU A 317 10.43 -12.33 -9.92
N PRO A 318 9.47 -11.49 -10.37
CA PRO A 318 8.10 -11.79 -10.03
C PRO A 318 7.71 -13.15 -10.53
N GLN A 319 7.98 -13.44 -11.78
CA GLN A 319 7.60 -14.73 -12.36
C GLN A 319 8.17 -15.93 -11.59
N GLU A 320 9.46 -15.88 -11.27
CA GLU A 320 10.11 -16.97 -10.54
C GLU A 320 9.38 -17.19 -9.21
N THR A 321 9.15 -16.09 -8.49
CA THR A 321 8.41 -16.09 -7.24
C THR A 321 7.09 -16.85 -7.37
N ALA A 322 6.36 -16.62 -8.46
CA ALA A 322 5.09 -17.31 -8.67
C ALA A 322 5.32 -18.81 -8.78
N GLU A 323 6.26 -19.21 -9.63
CA GLU A 323 6.58 -20.63 -9.87
C GLU A 323 7.04 -21.31 -8.56
N ILE A 324 7.95 -20.64 -7.85
CA ILE A 324 8.60 -21.18 -6.66
C ILE A 324 7.65 -21.17 -5.44
N HIS A 325 6.84 -20.13 -5.26
CA HIS A 325 6.08 -19.96 -4.02
C HIS A 325 4.56 -19.88 -4.15
N LEU A 326 4.02 -19.74 -5.36
CA LEU A 326 2.56 -19.59 -5.59
C LEU A 326 1.92 -20.74 -6.40
N HIS A 327 2.63 -21.33 -7.36
CA HIS A 327 2.15 -22.55 -8.05
C HIS A 327 2.63 -23.78 -7.29
C1 C2J B . -8.35 2.83 -4.44
C2 C2J B . -7.54 2.10 -5.30
C3 C2J B . -7.81 0.75 -5.52
C4 C2J B . -8.91 0.12 -4.92
C5 C2J B . -9.72 0.85 -4.04
C6 C2J B . -9.44 2.20 -3.81
C7 C2J B . -9.14 -1.35 -5.19
C8 C2J B . -9.59 -2.18 -4.15
C11 C2J B . -9.56 -5.48 -6.17
O1 C2J B . -8.06 4.15 -4.21
C9 C2J B . -9.79 -3.55 -4.35
C10 C2J B . -9.49 -4.14 -5.61
N1 C2J B . -9.97 -6.69 -5.48
C12 C2J B . -9.50 -6.96 -4.15
O2 C2J B . -8.76 -6.21 -3.57
C13 C2J B . -9.84 -8.17 -3.36
C14 C2J B . -10.37 -8.75 -2.23
C15 C2J B . -9.62 -9.50 -3.15
N2 C2J B . -9.14 -5.40 -7.43
N3 C2J B . -8.84 -4.15 -7.73
C16 C2J B . -9.03 -3.34 -6.65
C17 C2J B . -8.85 -1.94 -6.45
#